data_2YR1
#
_entry.id   2YR1
#
_cell.length_a   70.309
_cell.length_b   76.642
_cell.length_c   86.571
_cell.angle_alpha   90.00
_cell.angle_beta   90.00
_cell.angle_gamma   90.00
#
_symmetry.space_group_name_H-M   'P 21 21 21'
#
loop_
_entity.id
_entity.type
_entity.pdbx_description
1 polymer '3-dehydroquinate dehydratase'
2 water water
#
_entity_poly.entity_id   1
_entity_poly.type   'polypeptide(L)'
_entity_poly.pdbx_seq_one_letter_code
;MNISPKAIKVRNIWIGGTEPCICAPVVGEDDRKVLREAEEVCRKQPDLLEWRADFFRAIDDQERVLATANGLRNIAGEIP
ILFTIRSEREGGQPIPLNEAEVRRLIEAICRSGAIDLVDYELAYGERIADVRRMTEECSVWLVVSRHYFDGTPRKETLLA
DMRQAERYGADIAKVAVMPKSPEDVLVLLQATEEARRELAIPLITMAMGGLGAITRLAGWLFGSAVTFAVGNQSSAPGQI
PIDDVRTVLSILQTYSR
;
_entity_poly.pdbx_strand_id   A,B
#
# COMPACT_ATOMS: atom_id res chain seq x y z
N MET A 1 15.17 9.65 -6.40
CA MET A 1 13.80 9.31 -5.98
C MET A 1 12.97 8.76 -7.15
N ASN A 2 13.60 8.57 -8.30
CA ASN A 2 12.89 8.01 -9.44
C ASN A 2 12.60 6.57 -9.06
N ILE A 3 11.60 5.97 -9.68
CA ILE A 3 11.29 4.57 -9.40
C ILE A 3 12.50 3.66 -9.61
N SER A 4 13.15 3.79 -10.78
CA SER A 4 14.33 2.99 -11.10
C SER A 4 15.59 3.86 -11.19
N PRO A 5 16.77 3.26 -10.98
CA PRO A 5 18.02 4.03 -11.07
C PRO A 5 18.31 4.69 -12.43
N LYS A 6 17.83 4.10 -13.52
CA LYS A 6 18.00 4.67 -14.85
C LYS A 6 16.79 4.42 -15.75
N ALA A 7 15.89 5.40 -15.81
CA ALA A 7 14.69 5.28 -16.61
C ALA A 7 15.03 4.95 -18.05
N ILE A 8 14.08 4.32 -18.72
CA ILE A 8 14.24 3.92 -20.11
C ILE A 8 13.12 4.53 -20.93
N LYS A 9 13.46 5.03 -22.10
CA LYS A 9 12.48 5.64 -22.97
C LYS A 9 12.00 4.62 -24.01
N VAL A 10 10.70 4.35 -24.02
CA VAL A 10 10.14 3.40 -24.98
C VAL A 10 9.04 4.16 -25.71
N ARG A 11 9.28 4.41 -27.00
CA ARG A 11 8.33 5.13 -27.86
C ARG A 11 7.54 6.26 -27.22
N ASN A 12 8.18 7.30 -26.72
CA ASN A 12 7.41 8.39 -26.12
C ASN A 12 7.03 8.25 -24.64
N ILE A 13 7.20 7.06 -24.06
CA ILE A 13 6.87 6.87 -22.67
C ILE A 13 8.13 6.48 -21.88
N TRP A 14 8.25 7.02 -20.66
CA TRP A 14 9.39 6.68 -19.81
C TRP A 14 8.97 5.60 -18.81
N ILE A 15 9.80 4.59 -18.63
CA ILE A 15 9.54 3.51 -17.65
C ILE A 15 10.67 3.56 -16.61
N GLY A 16 10.30 3.75 -15.36
CA GLY A 16 11.32 3.80 -14.31
C GLY A 16 11.55 5.22 -13.82
N GLY A 17 10.79 6.19 -14.34
CA GLY A 17 10.96 7.57 -13.91
C GLY A 17 10.20 7.91 -12.66
N THR A 18 9.53 9.05 -12.71
CA THR A 18 8.72 9.55 -11.61
C THR A 18 7.34 8.90 -11.63
N GLU A 19 6.82 8.70 -12.83
CA GLU A 19 5.48 8.14 -13.01
C GLU A 19 5.41 6.63 -13.17
N PRO A 20 4.53 5.99 -12.38
CA PRO A 20 4.50 4.55 -12.61
C PRO A 20 3.77 4.29 -13.95
N CYS A 21 4.14 3.25 -14.67
CA CYS A 21 3.45 2.96 -15.94
C CYS A 21 2.38 1.90 -15.77
N ILE A 22 1.26 2.09 -16.45
CA ILE A 22 0.16 1.13 -16.38
C ILE A 22 0.14 0.31 -17.66
N CYS A 23 0.26 -1.00 -17.53
CA CYS A 23 0.20 -1.90 -18.68
C CYS A 23 -1.15 -2.66 -18.69
N ALA A 24 -1.81 -2.72 -19.85
CA ALA A 24 -3.09 -3.42 -19.95
C ALA A 24 -2.99 -4.58 -20.94
N PRO A 25 -3.43 -5.78 -20.53
CA PRO A 25 -3.35 -6.93 -21.42
C PRO A 25 -4.49 -7.03 -22.42
N VAL A 26 -4.21 -7.62 -23.56
CA VAL A 26 -5.21 -7.85 -24.58
C VAL A 26 -5.12 -9.35 -24.77
N VAL A 27 -6.21 -10.05 -24.46
CA VAL A 27 -6.24 -11.49 -24.62
C VAL A 27 -7.34 -11.77 -25.64
N GLY A 28 -6.97 -12.49 -26.68
CA GLY A 28 -7.92 -12.80 -27.73
C GLY A 28 -7.56 -14.12 -28.37
N GLU A 29 -8.50 -15.06 -28.35
CA GLU A 29 -8.28 -16.36 -28.93
C GLU A 29 -7.96 -16.27 -30.42
N ASP A 30 -8.61 -15.34 -31.11
CA ASP A 30 -8.35 -15.19 -32.53
C ASP A 30 -8.21 -13.75 -32.99
N ASP A 31 -7.71 -13.58 -34.20
CA ASP A 31 -7.49 -12.25 -34.75
C ASP A 31 -8.60 -11.27 -34.46
N ARG A 32 -9.85 -11.68 -34.67
CA ARG A 32 -10.98 -10.79 -34.44
C ARG A 32 -11.17 -10.44 -32.98
N LYS A 33 -11.10 -11.44 -32.11
CA LYS A 33 -11.25 -11.18 -30.68
C LYS A 33 -10.13 -10.23 -30.24
N VAL A 34 -8.89 -10.59 -30.58
CA VAL A 34 -7.72 -9.77 -30.24
C VAL A 34 -7.89 -8.30 -30.65
N LEU A 35 -8.17 -8.07 -31.93
CA LEU A 35 -8.34 -6.72 -32.44
C LEU A 35 -9.50 -5.97 -31.78
N ARG A 36 -10.48 -6.70 -31.28
CA ARG A 36 -11.62 -6.08 -30.60
C ARG A 36 -11.15 -5.56 -29.25
N GLU A 37 -10.47 -6.43 -28.50
CA GLU A 37 -9.92 -6.09 -27.18
C GLU A 37 -9.02 -4.86 -27.23
N ALA A 38 -8.14 -4.79 -28.23
CA ALA A 38 -7.21 -3.67 -28.40
C ALA A 38 -7.91 -2.33 -28.53
N GLU A 39 -8.91 -2.26 -29.40
CA GLU A 39 -9.64 -1.01 -29.58
C GLU A 39 -10.17 -0.55 -28.23
N GLU A 40 -10.87 -1.47 -27.56
CA GLU A 40 -11.45 -1.21 -26.24
C GLU A 40 -10.42 -0.80 -25.19
N VAL A 41 -9.35 -1.59 -25.05
CA VAL A 41 -8.34 -1.28 -24.06
C VAL A 41 -7.68 0.05 -24.40
N CYS A 42 -7.32 0.24 -25.66
CA CYS A 42 -6.67 1.48 -26.06
C CYS A 42 -7.55 2.71 -25.85
N ARG A 43 -8.87 2.51 -25.81
CA ARG A 43 -9.80 3.62 -25.59
C ARG A 43 -9.52 4.18 -24.20
N LYS A 44 -9.15 3.28 -23.29
CA LYS A 44 -8.75 3.69 -21.95
C LYS A 44 -7.35 4.05 -22.39
N GLN A 45 -6.69 5.01 -21.77
CA GLN A 45 -5.37 5.35 -22.28
C GLN A 45 -4.21 4.78 -21.47
N PRO A 46 -4.00 3.44 -21.53
CA PRO A 46 -2.89 2.83 -20.78
C PRO A 46 -1.57 3.23 -21.37
N ASP A 47 -0.52 3.20 -20.55
CA ASP A 47 0.81 3.56 -20.99
C ASP A 47 1.39 2.49 -21.91
N LEU A 48 1.05 1.23 -21.63
CA LEU A 48 1.54 0.11 -22.42
C LEU A 48 0.44 -0.92 -22.69
N LEU A 49 0.65 -1.74 -23.72
CA LEU A 49 -0.29 -2.76 -24.12
C LEU A 49 0.44 -4.10 -24.17
N GLU A 50 -0.05 -5.08 -23.41
CA GLU A 50 0.59 -6.39 -23.44
C GLU A 50 -0.30 -7.40 -24.15
N TRP A 51 0.03 -7.77 -25.38
CA TRP A 51 -0.85 -8.76 -25.94
C TRP A 51 -0.29 -10.11 -25.60
N ARG A 52 -1.11 -10.86 -24.87
CA ARG A 52 -0.79 -12.19 -24.41
C ARG A 52 -1.06 -13.18 -25.55
N ALA A 53 -0.14 -13.18 -26.51
CA ALA A 53 -0.24 -14.02 -27.69
C ALA A 53 -0.47 -15.50 -27.44
N ASP A 54 -0.28 -15.95 -26.21
CA ASP A 54 -0.48 -17.36 -25.94
C ASP A 54 -1.96 -17.78 -25.90
N PHE A 55 -2.85 -16.81 -26.12
CA PHE A 55 -4.29 -17.06 -26.15
C PHE A 55 -4.70 -17.34 -27.60
N PHE A 56 -3.96 -16.74 -28.53
CA PHE A 56 -4.16 -16.86 -29.97
C PHE A 56 -4.17 -18.34 -30.40
N ARG A 57 -5.29 -18.83 -30.89
CA ARG A 57 -5.34 -20.24 -31.31
C ARG A 57 -4.48 -20.50 -32.55
N ALA A 58 -4.47 -19.55 -33.50
CA ALA A 58 -3.70 -19.70 -34.74
C ALA A 58 -2.26 -19.22 -34.65
N ILE A 59 -1.58 -19.50 -33.54
CA ILE A 59 -0.20 -19.07 -33.40
C ILE A 59 0.69 -19.88 -34.32
N ASP A 60 0.15 -20.99 -34.84
CA ASP A 60 0.88 -21.87 -35.72
C ASP A 60 1.02 -21.21 -37.09
N ASP A 61 0.39 -20.06 -37.25
CA ASP A 61 0.45 -19.35 -38.52
C ASP A 61 1.10 -17.98 -38.40
N GLN A 62 2.39 -17.91 -38.75
CA GLN A 62 3.11 -16.65 -38.66
C GLN A 62 2.45 -15.54 -39.45
N GLU A 63 1.95 -15.85 -40.64
CA GLU A 63 1.31 -14.84 -41.48
C GLU A 63 0.12 -14.25 -40.75
N ARG A 64 -0.62 -15.11 -40.03
CA ARG A 64 -1.79 -14.66 -39.28
C ARG A 64 -1.33 -13.79 -38.10
N VAL A 65 -0.39 -14.29 -37.31
CA VAL A 65 0.11 -13.55 -36.17
C VAL A 65 0.69 -12.21 -36.63
N LEU A 66 1.59 -12.26 -37.61
CA LEU A 66 2.19 -11.04 -38.14
C LEU A 66 1.07 -10.11 -38.57
N ALA A 67 0.07 -10.68 -39.23
CA ALA A 67 -1.09 -9.91 -39.69
C ALA A 67 -1.73 -9.21 -38.49
N THR A 68 -2.08 -10.00 -37.49
CA THR A 68 -2.68 -9.45 -36.27
C THR A 68 -1.74 -8.43 -35.64
N ALA A 69 -0.47 -8.83 -35.47
CA ALA A 69 0.56 -8.00 -34.88
C ALA A 69 0.57 -6.63 -35.54
N ASN A 70 0.54 -6.66 -36.86
CA ASN A 70 0.54 -5.45 -37.66
C ASN A 70 -0.77 -4.70 -37.44
N GLY A 71 -1.85 -5.44 -37.23
CA GLY A 71 -3.14 -4.80 -37.01
C GLY A 71 -3.23 -4.07 -35.69
N LEU A 72 -2.85 -4.75 -34.61
CA LEU A 72 -2.88 -4.14 -33.28
C LEU A 72 -1.95 -2.95 -33.23
N ARG A 73 -0.81 -3.06 -33.90
CA ARG A 73 0.15 -1.97 -33.95
C ARG A 73 -0.56 -0.78 -34.55
N ASN A 74 -1.50 -1.05 -35.45
CA ASN A 74 -2.25 -0.01 -36.11
C ASN A 74 -3.26 0.64 -35.16
N ILE A 75 -3.89 -0.18 -34.31
CA ILE A 75 -4.88 0.34 -33.37
C ILE A 75 -4.16 1.09 -32.27
N ALA A 76 -3.04 0.54 -31.81
CA ALA A 76 -2.27 1.22 -30.80
C ALA A 76 -1.55 2.29 -31.62
N GLY A 77 -1.57 3.53 -31.18
CA GLY A 77 -0.87 4.54 -31.96
C GLY A 77 0.58 4.41 -31.58
N GLU A 78 1.00 5.26 -30.65
CA GLU A 78 2.35 5.24 -30.15
C GLU A 78 2.41 4.41 -28.86
N ILE A 79 1.27 3.93 -28.39
CA ILE A 79 1.29 3.12 -27.16
C ILE A 79 2.23 1.95 -27.41
N PRO A 80 3.24 1.81 -26.55
CA PRO A 80 4.18 0.71 -26.69
C PRO A 80 3.49 -0.63 -26.56
N ILE A 81 3.90 -1.59 -27.37
CA ILE A 81 3.32 -2.92 -27.32
C ILE A 81 4.32 -3.98 -26.88
N LEU A 82 3.97 -4.68 -25.79
CA LEU A 82 4.79 -5.74 -25.23
C LEU A 82 4.20 -7.05 -25.75
N PHE A 83 5.02 -7.83 -26.46
CA PHE A 83 4.60 -9.11 -27.03
C PHE A 83 4.98 -10.20 -26.05
N THR A 84 3.98 -10.93 -25.59
CA THR A 84 4.19 -11.98 -24.59
C THR A 84 3.56 -13.32 -24.94
N ILE A 85 4.34 -14.39 -24.84
CA ILE A 85 3.85 -15.74 -25.05
C ILE A 85 4.17 -16.46 -23.75
N ARG A 86 3.27 -16.34 -22.79
CA ARG A 86 3.44 -16.96 -21.48
C ARG A 86 3.48 -18.48 -21.52
N SER A 87 4.52 -19.06 -20.94
CA SER A 87 4.65 -20.50 -20.88
C SER A 87 3.41 -21.04 -20.17
N GLU A 88 3.15 -22.35 -20.31
CA GLU A 88 1.99 -22.94 -19.66
C GLU A 88 2.37 -23.21 -18.21
N ARG A 89 3.64 -23.54 -18.01
CA ARG A 89 4.15 -23.83 -16.68
C ARG A 89 4.21 -22.57 -15.81
N GLU A 90 3.84 -21.42 -16.38
CA GLU A 90 3.86 -20.18 -15.64
C GLU A 90 2.57 -19.39 -15.80
N GLY A 91 1.45 -20.10 -15.82
CA GLY A 91 0.14 -19.48 -15.94
C GLY A 91 -0.36 -19.25 -17.36
N GLY A 92 0.47 -19.56 -18.34
CA GLY A 92 0.06 -19.36 -19.70
C GLY A 92 -0.87 -20.43 -20.27
N GLN A 93 -1.62 -20.04 -21.29
CA GLN A 93 -2.57 -20.91 -21.99
C GLN A 93 -1.88 -22.10 -22.67
N PRO A 94 -2.65 -22.97 -23.35
CA PRO A 94 -2.10 -24.14 -24.06
C PRO A 94 -1.60 -23.69 -25.42
N ILE A 95 -0.39 -24.12 -25.77
CA ILE A 95 0.26 -23.72 -27.01
C ILE A 95 0.66 -24.92 -27.90
N PRO A 96 0.20 -24.93 -29.17
CA PRO A 96 0.47 -25.99 -30.15
C PRO A 96 1.89 -26.08 -30.71
N LEU A 97 2.61 -24.95 -30.77
CA LEU A 97 3.97 -24.95 -31.30
C LEU A 97 4.94 -25.00 -30.14
N ASN A 98 6.10 -25.63 -30.32
CA ASN A 98 7.05 -25.73 -29.23
C ASN A 98 8.08 -24.60 -29.19
N GLU A 99 9.02 -24.75 -28.27
CA GLU A 99 10.09 -23.79 -28.03
C GLU A 99 10.67 -23.06 -29.25
N ALA A 100 11.29 -23.82 -30.16
CA ALA A 100 11.92 -23.27 -31.35
C ALA A 100 11.00 -22.33 -32.13
N GLU A 101 9.79 -22.80 -32.39
CA GLU A 101 8.82 -22.04 -33.15
C GLU A 101 8.52 -20.72 -32.46
N VAL A 102 8.40 -20.77 -31.14
CA VAL A 102 8.13 -19.55 -30.37
C VAL A 102 9.24 -18.54 -30.67
N ARG A 103 10.48 -18.97 -30.49
CA ARG A 103 11.64 -18.11 -30.74
C ARG A 103 11.69 -17.63 -32.17
N ARG A 104 11.29 -18.52 -33.09
CA ARG A 104 11.27 -18.19 -34.49
C ARG A 104 10.17 -17.18 -34.71
N LEU A 105 9.03 -17.40 -34.04
CA LEU A 105 7.89 -16.49 -34.15
C LEU A 105 8.28 -15.16 -33.51
N ILE A 106 8.99 -15.24 -32.39
CA ILE A 106 9.40 -14.01 -31.71
C ILE A 106 10.31 -13.22 -32.64
N GLU A 107 11.24 -13.91 -33.31
CA GLU A 107 12.14 -13.22 -34.22
C GLU A 107 11.35 -12.61 -35.35
N ALA A 108 10.49 -13.42 -35.96
CA ALA A 108 9.67 -12.95 -37.06
C ALA A 108 8.84 -11.75 -36.61
N ILE A 109 8.32 -11.81 -35.38
CA ILE A 109 7.52 -10.70 -34.89
C ILE A 109 8.39 -9.49 -34.59
N CYS A 110 9.61 -9.74 -34.09
CA CYS A 110 10.54 -8.66 -33.78
C CYS A 110 10.92 -7.87 -35.03
N ARG A 111 11.27 -8.58 -36.11
CA ARG A 111 11.68 -7.94 -37.34
C ARG A 111 10.55 -7.26 -38.08
N SER A 112 9.32 -7.66 -37.75
CA SER A 112 8.15 -7.06 -38.36
C SER A 112 8.08 -5.62 -37.89
N GLY A 113 8.66 -5.35 -36.72
CA GLY A 113 8.65 -4.00 -36.20
C GLY A 113 7.30 -3.55 -35.65
N ALA A 114 6.42 -4.52 -35.39
CA ALA A 114 5.08 -4.20 -34.88
C ALA A 114 5.04 -4.10 -33.35
N ILE A 115 6.05 -4.66 -32.68
CA ILE A 115 6.14 -4.64 -31.23
C ILE A 115 7.34 -3.82 -30.73
N ASP A 116 7.36 -3.51 -29.43
CA ASP A 116 8.42 -2.69 -28.82
C ASP A 116 9.15 -3.42 -27.69
N LEU A 117 8.44 -4.30 -27.01
CA LEU A 117 9.01 -5.08 -25.93
C LEU A 117 8.64 -6.53 -26.18
N VAL A 118 9.45 -7.42 -25.64
CA VAL A 118 9.21 -8.85 -25.72
C VAL A 118 9.48 -9.43 -24.33
N ASP A 119 8.54 -10.24 -23.82
CA ASP A 119 8.68 -10.89 -22.53
C ASP A 119 9.17 -12.32 -22.75
N TYR A 120 10.26 -12.70 -22.07
CA TYR A 120 10.80 -14.05 -22.21
C TYR A 120 11.13 -14.58 -20.83
N GLU A 121 10.91 -15.88 -20.63
CA GLU A 121 11.13 -16.54 -19.35
C GLU A 121 12.58 -16.78 -18.95
N LEU A 122 12.92 -16.36 -17.72
CA LEU A 122 14.27 -16.56 -17.22
C LEU A 122 14.55 -18.06 -17.19
N ALA A 123 13.49 -18.83 -16.96
CA ALA A 123 13.62 -20.27 -16.89
C ALA A 123 14.31 -20.87 -18.11
N TYR A 124 14.35 -20.14 -19.21
CA TYR A 124 14.99 -20.63 -20.43
C TYR A 124 16.50 -20.38 -20.44
N GLY A 125 17.04 -20.07 -19.28
CA GLY A 125 18.47 -19.81 -19.11
C GLY A 125 19.31 -19.42 -20.31
N GLU A 126 20.21 -20.31 -20.71
CA GLU A 126 21.10 -20.07 -21.85
C GLU A 126 20.35 -19.72 -23.13
N ARG A 127 19.17 -20.31 -23.32
CA ARG A 127 18.42 -20.04 -24.53
C ARG A 127 17.98 -18.60 -24.60
N ILE A 128 18.24 -17.84 -23.53
CA ILE A 128 17.86 -16.43 -23.51
C ILE A 128 18.76 -15.63 -24.44
N ALA A 129 20.05 -16.00 -24.49
CA ALA A 129 20.99 -15.31 -25.36
C ALA A 129 20.37 -15.26 -26.75
N ASP A 130 19.85 -16.40 -27.19
CA ASP A 130 19.20 -16.52 -28.49
C ASP A 130 18.18 -15.40 -28.67
N VAL A 131 17.21 -15.32 -27.77
CA VAL A 131 16.21 -14.27 -27.87
C VAL A 131 16.84 -12.90 -27.61
N ARG A 132 17.86 -12.87 -26.77
CA ARG A 132 18.56 -11.64 -26.45
C ARG A 132 19.05 -10.94 -27.72
N ARG A 133 19.82 -11.64 -28.55
CA ARG A 133 20.32 -10.99 -29.75
C ARG A 133 19.22 -10.75 -30.76
N MET A 134 18.26 -11.66 -30.77
CA MET A 134 17.12 -11.56 -31.65
C MET A 134 16.43 -10.22 -31.40
N THR A 135 16.32 -9.85 -30.13
CA THR A 135 15.65 -8.60 -29.78
C THR A 135 16.50 -7.37 -30.00
N GLU A 136 17.77 -7.44 -29.67
CA GLU A 136 18.63 -6.29 -29.85
C GLU A 136 18.72 -5.84 -31.31
N GLU A 137 18.76 -6.79 -32.24
CA GLU A 137 18.83 -6.47 -33.66
C GLU A 137 17.67 -5.56 -34.10
N CYS A 138 16.47 -5.86 -33.62
CA CYS A 138 15.30 -5.10 -34.01
C CYS A 138 14.97 -3.95 -33.09
N SER A 139 15.92 -3.59 -32.24
CA SER A 139 15.72 -2.48 -31.30
C SER A 139 14.49 -2.77 -30.44
N VAL A 140 14.37 -4.01 -29.99
CA VAL A 140 13.25 -4.41 -29.15
C VAL A 140 13.75 -4.62 -27.72
N TRP A 141 13.03 -4.07 -26.76
CA TRP A 141 13.39 -4.21 -25.36
C TRP A 141 13.11 -5.61 -24.86
N LEU A 142 13.94 -6.09 -23.95
CA LEU A 142 13.77 -7.42 -23.44
C LEU A 142 13.41 -7.45 -21.96
N VAL A 143 12.25 -8.03 -21.69
CA VAL A 143 11.75 -8.19 -20.33
C VAL A 143 12.02 -9.67 -19.99
N VAL A 144 12.76 -9.94 -18.93
CA VAL A 144 12.98 -11.31 -18.54
C VAL A 144 12.20 -11.54 -17.27
N SER A 145 11.29 -12.50 -17.32
CA SER A 145 10.41 -12.76 -16.20
C SER A 145 10.40 -14.14 -15.60
N ARG A 146 9.71 -14.21 -14.47
CA ARG A 146 9.53 -15.41 -13.68
C ARG A 146 8.19 -15.22 -12.99
N HIS A 147 7.33 -16.25 -13.06
CA HIS A 147 6.03 -16.21 -12.42
C HIS A 147 5.84 -17.42 -11.49
N TYR A 148 5.47 -17.15 -10.24
CA TYR A 148 5.23 -18.21 -9.25
C TYR A 148 3.73 -18.24 -8.93
N PHE A 149 2.99 -19.16 -9.55
CA PHE A 149 1.54 -19.23 -9.33
C PHE A 149 1.09 -20.06 -8.15
N ASP A 150 1.99 -20.90 -7.61
CA ASP A 150 1.60 -21.75 -6.50
C ASP A 150 1.98 -21.26 -5.11
N GLY A 151 2.66 -20.12 -5.03
CA GLY A 151 3.05 -19.61 -3.73
C GLY A 151 4.02 -18.48 -3.89
N THR A 152 4.63 -18.09 -2.77
CA THR A 152 5.60 -17.00 -2.73
C THR A 152 6.92 -17.51 -2.17
N PRO A 153 7.94 -17.67 -3.03
CA PRO A 153 9.24 -18.15 -2.55
C PRO A 153 9.89 -17.17 -1.58
N ARG A 154 11.00 -17.60 -0.97
CA ARG A 154 11.67 -16.71 -0.02
C ARG A 154 12.27 -15.50 -0.72
N LYS A 155 12.41 -14.41 0.03
CA LYS A 155 12.98 -13.17 -0.48
C LYS A 155 14.29 -13.42 -1.22
N GLU A 156 15.14 -14.30 -0.69
CA GLU A 156 16.42 -14.61 -1.36
C GLU A 156 16.24 -15.14 -2.78
N THR A 157 15.24 -15.98 -2.97
CA THR A 157 14.98 -16.58 -4.28
C THR A 157 14.52 -15.51 -5.26
N LEU A 158 13.65 -14.62 -4.80
CA LEU A 158 13.13 -13.54 -5.64
C LEU A 158 14.28 -12.60 -6.02
N LEU A 159 15.12 -12.29 -5.05
CA LEU A 159 16.26 -11.40 -5.32
C LEU A 159 17.21 -12.06 -6.33
N ALA A 160 17.49 -13.35 -6.16
CA ALA A 160 18.35 -14.09 -7.07
C ALA A 160 17.78 -14.12 -8.49
N ASP A 161 16.47 -14.35 -8.61
CA ASP A 161 15.82 -14.36 -9.93
C ASP A 161 16.05 -13.06 -10.69
N MET A 162 15.86 -11.94 -10.00
CA MET A 162 16.03 -10.64 -10.64
C MET A 162 17.50 -10.35 -10.95
N ARG A 163 18.40 -10.79 -10.09
CA ARG A 163 19.81 -10.55 -10.35
C ARG A 163 20.21 -11.31 -11.61
N GLN A 164 19.72 -12.54 -11.74
CA GLN A 164 20.03 -13.39 -12.90
C GLN A 164 19.44 -12.83 -14.18
N ALA A 165 18.22 -12.32 -14.10
CA ALA A 165 17.57 -11.75 -15.27
C ALA A 165 18.48 -10.65 -15.83
N GLU A 166 19.00 -9.81 -14.94
CA GLU A 166 19.90 -8.75 -15.37
C GLU A 166 21.18 -9.38 -15.91
N ARG A 167 21.66 -10.44 -15.26
CA ARG A 167 22.87 -11.14 -15.72
C ARG A 167 22.71 -11.64 -17.17
N TYR A 168 21.51 -12.09 -17.53
CA TYR A 168 21.24 -12.60 -18.89
C TYR A 168 21.00 -11.51 -19.92
N GLY A 169 21.15 -10.25 -19.53
CA GLY A 169 20.95 -9.17 -20.46
C GLY A 169 19.59 -8.51 -20.50
N ALA A 170 18.74 -8.80 -19.53
CA ALA A 170 17.42 -8.20 -19.51
C ALA A 170 17.47 -6.67 -19.47
N ASP A 171 16.48 -6.03 -20.11
CA ASP A 171 16.37 -4.60 -20.07
C ASP A 171 15.45 -4.27 -18.89
N ILE A 172 14.60 -5.22 -18.57
CA ILE A 172 13.65 -5.10 -17.46
C ILE A 172 13.51 -6.48 -16.85
N ALA A 173 13.55 -6.55 -15.52
CA ALA A 173 13.43 -7.81 -14.80
C ALA A 173 12.02 -7.91 -14.22
N LYS A 174 11.36 -9.05 -14.41
CA LYS A 174 10.01 -9.18 -13.88
C LYS A 174 9.78 -10.44 -13.03
N VAL A 175 9.17 -10.27 -11.86
CA VAL A 175 8.84 -11.42 -11.01
C VAL A 175 7.42 -11.27 -10.44
N ALA A 176 6.61 -12.32 -10.56
CA ALA A 176 5.26 -12.27 -9.97
C ALA A 176 5.09 -13.46 -9.03
N VAL A 177 4.38 -13.26 -7.92
CA VAL A 177 4.17 -14.34 -6.97
C VAL A 177 2.70 -14.42 -6.54
N MET A 178 2.33 -15.57 -5.97
CA MET A 178 0.96 -15.77 -5.48
C MET A 178 1.07 -15.83 -3.98
N PRO A 179 0.62 -14.76 -3.29
CA PRO A 179 0.72 -14.73 -1.83
C PRO A 179 -0.35 -15.62 -1.19
N LYS A 180 -0.04 -16.19 -0.04
CA LYS A 180 -1.00 -17.05 0.64
C LYS A 180 -1.28 -16.41 1.99
N SER A 181 -0.65 -15.26 2.21
CA SER A 181 -0.78 -14.53 3.46
C SER A 181 -0.25 -13.11 3.31
N PRO A 182 -0.62 -12.20 4.24
CA PRO A 182 -0.13 -10.81 4.18
C PRO A 182 1.38 -10.81 4.26
N GLU A 183 1.93 -11.72 5.06
CA GLU A 183 3.37 -11.78 5.18
C GLU A 183 4.02 -12.00 3.81
N ASP A 184 3.40 -12.82 2.96
CA ASP A 184 3.92 -13.07 1.62
C ASP A 184 3.94 -11.80 0.80
N VAL A 185 2.93 -10.97 0.97
CA VAL A 185 2.86 -9.71 0.23
C VAL A 185 4.04 -8.82 0.61
N LEU A 186 4.37 -8.76 1.90
CA LEU A 186 5.49 -7.95 2.36
C LEU A 186 6.81 -8.56 1.84
N VAL A 187 6.91 -9.89 1.78
CA VAL A 187 8.12 -10.53 1.23
C VAL A 187 8.35 -10.02 -0.22
N LEU A 188 7.29 -10.00 -1.02
CA LEU A 188 7.41 -9.53 -2.40
C LEU A 188 7.87 -8.07 -2.47
N LEU A 189 7.36 -7.22 -1.58
CA LEU A 189 7.77 -5.81 -1.59
C LEU A 189 9.22 -5.67 -1.10
N GLN A 190 9.58 -6.44 -0.08
CA GLN A 190 10.95 -6.39 0.44
C GLN A 190 11.93 -6.79 -0.65
N ALA A 191 11.63 -7.85 -1.37
CA ALA A 191 12.53 -8.30 -2.43
C ALA A 191 12.62 -7.23 -3.52
N THR A 192 11.51 -6.55 -3.79
CA THR A 192 11.50 -5.52 -4.82
C THR A 192 12.45 -4.40 -4.43
N GLU A 193 12.29 -3.92 -3.20
CA GLU A 193 13.11 -2.84 -2.67
C GLU A 193 14.58 -3.24 -2.59
N GLU A 194 14.86 -4.48 -2.21
CA GLU A 194 16.25 -4.91 -2.16
C GLU A 194 16.82 -4.99 -3.58
N ALA A 195 16.05 -5.52 -4.51
CA ALA A 195 16.50 -5.65 -5.89
C ALA A 195 16.75 -4.28 -6.51
N ARG A 196 15.90 -3.33 -6.16
CA ARG A 196 15.98 -1.97 -6.67
C ARG A 196 17.31 -1.32 -6.38
N ARG A 197 17.85 -1.62 -5.21
CA ARG A 197 19.14 -1.08 -4.78
C ARG A 197 20.31 -1.86 -5.38
N GLU A 198 20.06 -3.06 -5.89
CA GLU A 198 21.10 -3.91 -6.46
C GLU A 198 21.24 -3.88 -7.99
N LEU A 199 20.10 -3.77 -8.70
CA LEU A 199 20.12 -3.75 -10.17
C LEU A 199 20.18 -2.37 -10.80
N ALA A 200 20.69 -2.31 -12.03
CA ALA A 200 20.79 -1.03 -12.73
C ALA A 200 19.60 -0.84 -13.67
N ILE A 201 18.80 -1.89 -13.87
CA ILE A 201 17.66 -1.82 -14.79
C ILE A 201 16.31 -1.77 -14.04
N PRO A 202 15.24 -1.38 -14.74
CA PRO A 202 13.89 -1.30 -14.14
C PRO A 202 13.41 -2.68 -13.69
N LEU A 203 12.50 -2.70 -12.73
CA LEU A 203 11.93 -3.91 -12.17
C LEU A 203 10.40 -3.88 -12.26
N ILE A 204 9.80 -5.05 -12.47
CA ILE A 204 8.34 -5.17 -12.50
C ILE A 204 8.02 -6.30 -11.57
N THR A 205 7.32 -6.00 -10.48
CA THR A 205 6.96 -7.05 -9.54
C THR A 205 5.50 -6.92 -9.14
N MET A 206 4.94 -8.04 -8.70
CA MET A 206 3.55 -8.08 -8.24
C MET A 206 3.23 -9.35 -7.47
N ALA A 207 2.30 -9.23 -6.54
CA ALA A 207 1.77 -10.36 -5.80
C ALA A 207 0.38 -10.36 -6.46
N MET A 208 -0.04 -11.52 -6.95
CA MET A 208 -1.33 -11.64 -7.63
C MET A 208 -2.45 -11.85 -6.63
N GLY A 209 -3.67 -12.03 -7.11
CA GLY A 209 -4.80 -12.25 -6.23
C GLY A 209 -5.26 -11.03 -5.42
N GLY A 210 -6.30 -11.22 -4.62
CA GLY A 210 -6.86 -10.13 -3.83
C GLY A 210 -5.84 -9.64 -2.82
N LEU A 211 -5.15 -10.60 -2.22
CA LEU A 211 -4.13 -10.34 -1.22
C LEU A 211 -3.06 -9.42 -1.80
N GLY A 212 -2.75 -9.60 -3.07
CA GLY A 212 -1.72 -8.78 -3.70
C GLY A 212 -2.15 -7.47 -4.34
N ALA A 213 -3.42 -7.11 -4.19
CA ALA A 213 -3.89 -5.86 -4.79
C ALA A 213 -3.01 -4.67 -4.41
N ILE A 214 -2.66 -4.58 -3.13
CA ILE A 214 -1.86 -3.45 -2.67
C ILE A 214 -0.59 -3.28 -3.47
N THR A 215 -0.03 -4.40 -3.92
CA THR A 215 1.21 -4.34 -4.67
C THR A 215 1.08 -3.73 -6.06
N ARG A 216 -0.12 -3.80 -6.63
CA ARG A 216 -0.37 -3.23 -7.95
C ARG A 216 -0.58 -1.72 -7.84
N LEU A 217 -0.95 -1.25 -6.66
CA LEU A 217 -1.21 0.16 -6.45
C LEU A 217 -0.07 0.90 -5.77
N ALA A 218 0.78 0.18 -5.05
CA ALA A 218 1.87 0.80 -4.31
C ALA A 218 3.26 0.21 -4.54
N GLY A 219 3.36 -0.79 -5.41
CA GLY A 219 4.66 -1.38 -5.65
C GLY A 219 5.67 -0.38 -6.18
N TRP A 220 5.21 0.63 -6.91
CA TRP A 220 6.11 1.64 -7.46
C TRP A 220 6.90 2.38 -6.38
N LEU A 221 6.40 2.35 -5.14
CA LEU A 221 7.08 3.02 -4.02
C LEU A 221 8.32 2.23 -3.58
N PHE A 222 8.38 0.97 -4.02
CA PHE A 222 9.48 0.08 -3.66
C PHE A 222 10.29 -0.36 -4.85
N GLY A 223 10.03 0.26 -6.00
CA GLY A 223 10.81 -0.06 -7.19
C GLY A 223 10.13 -0.74 -8.35
N SER A 224 8.82 -0.99 -8.26
CA SER A 224 8.16 -1.65 -9.39
C SER A 224 7.72 -0.55 -10.36
N ALA A 225 8.32 -0.58 -11.54
CA ALA A 225 8.07 0.43 -12.57
C ALA A 225 6.81 0.30 -13.39
N VAL A 226 6.24 -0.89 -13.41
CA VAL A 226 5.05 -1.14 -14.20
C VAL A 226 4.00 -1.89 -13.39
N THR A 227 2.73 -1.54 -13.55
CA THR A 227 1.66 -2.26 -12.86
C THR A 227 0.65 -2.67 -13.94
N PHE A 228 0.14 -3.91 -13.85
CA PHE A 228 -0.82 -4.40 -14.82
C PHE A 228 -2.26 -4.22 -14.35
N ALA A 229 -3.07 -3.55 -15.17
CA ALA A 229 -4.48 -3.29 -14.83
C ALA A 229 -5.40 -3.82 -15.92
N VAL A 230 -6.70 -3.87 -15.64
CA VAL A 230 -7.65 -4.34 -16.64
C VAL A 230 -8.13 -3.21 -17.53
N GLY A 231 -7.95 -3.40 -18.83
CA GLY A 231 -8.39 -2.40 -19.79
C GLY A 231 -9.66 -2.93 -20.47
N ASN A 232 -9.76 -4.26 -20.50
CA ASN A 232 -10.93 -4.94 -21.06
C ASN A 232 -11.08 -6.27 -20.33
N GLN A 233 -10.09 -7.14 -20.50
CA GLN A 233 -10.11 -8.45 -19.86
C GLN A 233 -8.95 -8.62 -18.91
N SER A 234 -9.04 -9.62 -18.04
CA SER A 234 -7.99 -9.91 -17.07
C SER A 234 -7.09 -10.99 -17.66
N SER A 235 -5.78 -10.85 -17.47
CA SER A 235 -4.84 -11.85 -18.00
C SER A 235 -4.16 -12.56 -16.83
N ALA A 236 -4.45 -12.09 -15.61
CA ALA A 236 -3.89 -12.66 -14.40
C ALA A 236 -4.72 -12.26 -13.17
N PRO A 237 -4.76 -13.12 -12.14
CA PRO A 237 -5.51 -12.88 -10.91
C PRO A 237 -5.16 -11.61 -10.14
N GLY A 238 -6.18 -10.86 -9.74
CA GLY A 238 -5.95 -9.64 -8.98
C GLY A 238 -5.78 -8.34 -9.72
N GLN A 239 -5.86 -8.36 -11.05
CA GLN A 239 -5.71 -7.12 -11.80
C GLN A 239 -6.95 -6.25 -11.57
N ILE A 240 -6.73 -4.97 -11.32
CA ILE A 240 -7.75 -3.97 -11.03
C ILE A 240 -8.05 -3.10 -12.24
N PRO A 241 -9.31 -2.64 -12.38
CA PRO A 241 -9.69 -1.79 -13.49
C PRO A 241 -8.82 -0.54 -13.55
N ILE A 242 -8.32 -0.25 -14.74
CA ILE A 242 -7.44 0.86 -14.96
C ILE A 242 -7.90 2.19 -14.33
N ASP A 243 -9.19 2.46 -14.35
CA ASP A 243 -9.73 3.70 -13.77
C ASP A 243 -9.51 3.77 -12.26
N ASP A 244 -9.68 2.65 -11.58
CA ASP A 244 -9.47 2.62 -10.13
C ASP A 244 -7.98 2.70 -9.81
N VAL A 245 -7.14 2.11 -10.65
CA VAL A 245 -5.70 2.19 -10.42
C VAL A 245 -5.25 3.65 -10.49
N ARG A 246 -5.72 4.36 -11.52
CA ARG A 246 -5.39 5.79 -11.71
C ARG A 246 -5.84 6.62 -10.51
N THR A 247 -7.04 6.36 -10.03
CA THR A 247 -7.58 7.08 -8.87
C THR A 247 -6.61 7.01 -7.69
N VAL A 248 -6.23 5.79 -7.33
CA VAL A 248 -5.33 5.57 -6.19
C VAL A 248 -3.93 6.13 -6.44
N LEU A 249 -3.40 5.91 -7.63
CA LEU A 249 -2.07 6.41 -7.92
C LEU A 249 -1.97 7.90 -7.75
N SER A 250 -3.00 8.62 -8.22
CA SER A 250 -2.99 10.07 -8.13
C SER A 250 -2.98 10.53 -6.67
N ILE A 251 -3.81 9.89 -5.85
CA ILE A 251 -3.87 10.23 -4.43
C ILE A 251 -2.56 9.86 -3.77
N LEU A 252 -2.13 8.62 -3.98
CA LEU A 252 -0.88 8.16 -3.40
C LEU A 252 0.27 9.06 -3.83
N GLN A 253 0.27 9.49 -5.09
CA GLN A 253 1.34 10.33 -5.60
C GLN A 253 1.40 11.72 -5.01
N THR A 254 0.26 12.38 -4.88
CA THR A 254 0.28 13.72 -4.32
C THR A 254 0.72 13.68 -2.87
N TYR A 255 0.20 12.71 -2.12
CA TYR A 255 0.52 12.58 -0.71
C TYR A 255 1.83 11.91 -0.29
N SER A 256 2.47 11.16 -1.18
CA SER A 256 3.73 10.48 -0.83
C SER A 256 4.91 11.42 -0.97
N ARG A 257 4.67 12.55 -1.61
CA ARG A 257 5.72 13.55 -1.81
C ARG A 257 5.14 14.95 -2.03
N MET B 1 -12.53 -11.15 6.71
CA MET B 1 -11.33 -11.02 7.58
C MET B 1 -11.41 -9.81 8.50
N ASN B 2 -11.16 -10.02 9.79
CA ASN B 2 -11.17 -8.93 10.77
C ASN B 2 -9.75 -8.42 10.86
N ILE B 3 -9.62 -7.10 11.04
CA ILE B 3 -8.30 -6.49 11.13
C ILE B 3 -7.52 -6.99 12.34
N SER B 4 -8.20 -7.11 13.47
CA SER B 4 -7.62 -7.60 14.72
C SER B 4 -8.24 -8.95 15.13
N PRO B 5 -7.50 -9.78 15.88
CA PRO B 5 -8.02 -11.08 16.31
C PRO B 5 -9.33 -10.91 17.09
N LYS B 6 -9.33 -10.00 18.06
CA LYS B 6 -10.52 -9.74 18.85
C LYS B 6 -10.90 -8.28 18.79
N ALA B 7 -11.94 -7.98 18.01
CA ALA B 7 -12.42 -6.61 17.84
C ALA B 7 -13.04 -6.10 19.15
N ILE B 8 -12.98 -4.78 19.33
CA ILE B 8 -13.52 -4.15 20.51
C ILE B 8 -14.68 -3.27 20.05
N LYS B 9 -15.76 -3.20 20.84
CA LYS B 9 -16.93 -2.41 20.48
C LYS B 9 -16.94 -1.10 21.24
N VAL B 10 -16.80 0.02 20.54
CA VAL B 10 -16.81 1.32 21.20
C VAL B 10 -18.04 2.09 20.75
N ARG B 11 -18.97 2.33 21.67
CA ARG B 11 -20.22 3.04 21.36
C ARG B 11 -20.87 2.57 20.06
N ASN B 12 -21.08 1.27 19.92
CA ASN B 12 -21.70 0.73 18.73
C ASN B 12 -20.81 0.72 17.48
N ILE B 13 -19.57 1.17 17.60
CA ILE B 13 -18.66 1.09 16.46
C ILE B 13 -17.62 0.04 16.82
N TRP B 14 -17.14 -0.71 15.83
CA TRP B 14 -16.13 -1.75 16.08
C TRP B 14 -14.72 -1.30 15.68
N ILE B 15 -13.75 -1.57 16.53
CA ILE B 15 -12.36 -1.23 16.23
C ILE B 15 -11.62 -2.56 16.10
N GLY B 16 -11.09 -2.83 14.93
CA GLY B 16 -10.36 -4.07 14.73
C GLY B 16 -11.23 -5.11 14.09
N GLY B 17 -12.40 -4.69 13.62
CA GLY B 17 -13.30 -5.62 12.96
C GLY B 17 -12.94 -5.70 11.49
N THR B 18 -13.94 -6.02 10.68
CA THR B 18 -13.75 -6.14 9.25
C THR B 18 -13.44 -4.80 8.60
N GLU B 19 -13.93 -3.73 9.20
CA GLU B 19 -13.75 -2.41 8.60
C GLU B 19 -12.69 -1.50 9.22
N PRO B 20 -11.93 -0.82 8.39
CA PRO B 20 -10.92 0.07 8.97
C PRO B 20 -11.67 1.21 9.64
N CYS B 21 -11.04 1.81 10.65
CA CYS B 21 -11.63 2.94 11.35
C CYS B 21 -10.81 4.18 11.08
N ILE B 22 -11.47 5.30 10.83
CA ILE B 22 -10.77 6.54 10.61
C ILE B 22 -10.98 7.48 11.79
N CYS B 23 -9.90 8.04 12.27
CA CYS B 23 -9.92 8.99 13.39
C CYS B 23 -9.38 10.32 12.89
N ALA B 24 -10.07 11.42 13.19
CA ALA B 24 -9.67 12.75 12.79
C ALA B 24 -9.42 13.57 14.06
N PRO B 25 -8.31 14.31 14.10
CA PRO B 25 -7.95 15.12 15.27
C PRO B 25 -8.65 16.48 15.35
N VAL B 26 -8.69 17.05 16.55
CA VAL B 26 -9.26 18.35 16.81
C VAL B 26 -8.14 19.02 17.59
N VAL B 27 -7.65 20.16 17.13
CA VAL B 27 -6.53 20.77 17.82
C VAL B 27 -6.71 22.22 18.28
N GLY B 28 -7.95 22.68 18.47
CA GLY B 28 -8.16 24.05 18.89
C GLY B 28 -7.41 24.56 20.11
N GLU B 29 -7.24 25.88 20.16
CA GLU B 29 -6.52 26.56 21.24
C GLU B 29 -7.43 26.91 22.44
N ASP B 30 -8.72 27.00 22.20
CA ASP B 30 -9.64 27.31 23.29
C ASP B 30 -11.01 26.72 23.02
N ASP B 31 -11.90 26.80 24.00
CA ASP B 31 -13.24 26.25 23.90
C ASP B 31 -13.99 26.54 22.61
N ARG B 32 -14.13 27.82 22.29
CA ARG B 32 -14.83 28.23 21.09
C ARG B 32 -14.19 27.58 19.87
N LYS B 33 -12.86 27.64 19.78
CA LYS B 33 -12.16 27.06 18.63
C LYS B 33 -12.27 25.55 18.57
N VAL B 34 -12.15 24.88 19.72
CA VAL B 34 -12.25 23.42 19.73
C VAL B 34 -13.64 22.95 19.27
N LEU B 35 -14.67 23.66 19.72
CA LEU B 35 -16.04 23.32 19.36
C LEU B 35 -16.33 23.53 17.88
N ARG B 36 -15.91 24.66 17.34
CA ARG B 36 -16.17 24.96 15.92
C ARG B 36 -15.44 23.93 15.07
N GLU B 37 -14.21 23.65 15.47
CA GLU B 37 -13.41 22.68 14.76
C GLU B 37 -14.08 21.30 14.80
N ALA B 38 -14.60 20.91 15.98
CA ALA B 38 -15.26 19.60 16.11
C ALA B 38 -16.48 19.53 15.21
N GLU B 39 -17.23 20.63 15.15
CA GLU B 39 -18.40 20.68 14.30
C GLU B 39 -17.98 20.36 12.85
N GLU B 40 -16.95 21.04 12.38
CA GLU B 40 -16.45 20.84 11.02
C GLU B 40 -15.99 19.40 10.78
N VAL B 41 -15.15 18.88 11.67
CA VAL B 41 -14.67 17.50 11.53
C VAL B 41 -15.83 16.51 11.54
N CYS B 42 -16.75 16.71 12.46
CA CYS B 42 -17.86 15.79 12.58
C CYS B 42 -18.77 15.71 11.36
N ARG B 43 -18.89 16.81 10.62
CA ARG B 43 -19.72 16.77 9.41
C ARG B 43 -19.06 15.81 8.43
N LYS B 44 -17.72 15.75 8.44
CA LYS B 44 -17.00 14.78 7.61
C LYS B 44 -17.41 13.55 8.39
N GLN B 45 -17.26 12.34 7.88
CA GLN B 45 -17.77 11.26 8.73
C GLN B 45 -16.77 10.35 9.42
N PRO B 46 -15.86 10.91 10.24
CA PRO B 46 -14.90 10.00 10.88
C PRO B 46 -15.54 9.01 11.82
N ASP B 47 -14.89 7.87 11.96
CA ASP B 47 -15.36 6.82 12.84
C ASP B 47 -15.05 7.21 14.29
N LEU B 48 -13.94 7.92 14.50
CA LEU B 48 -13.50 8.38 15.83
C LEU B 48 -12.99 9.81 15.76
N LEU B 49 -13.09 10.51 16.88
CA LEU B 49 -12.60 11.90 16.98
C LEU B 49 -11.57 11.91 18.10
N GLU B 50 -10.41 12.49 17.82
CA GLU B 50 -9.37 12.59 18.81
C GLU B 50 -9.20 14.04 19.22
N TRP B 51 -9.35 14.34 20.50
CA TRP B 51 -9.13 15.70 20.95
C TRP B 51 -7.68 15.80 21.44
N ARG B 52 -6.83 16.50 20.67
CA ARG B 52 -5.44 16.70 21.08
C ARG B 52 -5.46 17.88 22.05
N ALA B 53 -5.66 17.57 23.33
CA ALA B 53 -5.72 18.60 24.36
C ALA B 53 -4.42 19.32 24.68
N ASP B 54 -3.28 18.85 24.17
CA ASP B 54 -2.04 19.55 24.48
C ASP B 54 -1.94 20.94 23.80
N PHE B 55 -2.86 21.24 22.89
CA PHE B 55 -2.89 22.54 22.23
C PHE B 55 -3.77 23.52 23.04
N PHE B 56 -4.55 22.98 24.00
CA PHE B 56 -5.48 23.79 24.80
C PHE B 56 -4.79 24.78 25.72
N ARG B 57 -5.04 26.07 25.52
CA ARG B 57 -4.37 27.05 26.39
C ARG B 57 -4.76 26.93 27.86
N ALA B 58 -6.04 26.75 28.13
CA ALA B 58 -6.50 26.64 29.51
C ALA B 58 -6.44 25.20 30.03
N ILE B 59 -5.44 24.44 29.60
CA ILE B 59 -5.34 23.05 30.04
C ILE B 59 -5.17 22.93 31.54
N ASP B 60 -4.70 23.99 32.20
CA ASP B 60 -4.52 23.94 33.65
C ASP B 60 -5.74 24.48 34.41
N ASP B 61 -6.87 24.63 33.72
CA ASP B 61 -8.11 25.08 34.33
C ASP B 61 -9.07 23.90 34.16
N GLN B 62 -9.08 23.02 35.14
CA GLN B 62 -9.91 21.82 35.05
C GLN B 62 -11.35 22.05 34.60
N GLU B 63 -11.99 23.09 35.12
CA GLU B 63 -13.38 23.38 34.78
C GLU B 63 -13.57 23.70 33.30
N ARG B 64 -12.66 24.46 32.72
CA ARG B 64 -12.81 24.79 31.31
C ARG B 64 -12.60 23.55 30.43
N VAL B 65 -11.65 22.71 30.79
CA VAL B 65 -11.38 21.50 30.01
C VAL B 65 -12.58 20.55 30.08
N LEU B 66 -13.22 20.48 31.25
CA LEU B 66 -14.39 19.63 31.41
C LEU B 66 -15.57 20.19 30.64
N ALA B 67 -15.80 21.50 30.71
CA ALA B 67 -16.92 22.09 29.99
C ALA B 67 -16.70 21.89 28.49
N THR B 68 -15.45 22.01 28.04
CA THR B 68 -15.20 21.81 26.62
C THR B 68 -15.42 20.34 26.24
N ALA B 69 -14.97 19.42 27.08
CA ALA B 69 -15.15 18.00 26.80
C ALA B 69 -16.64 17.67 26.73
N ASN B 70 -17.44 18.26 27.63
CA ASN B 70 -18.90 18.04 27.65
C ASN B 70 -19.48 18.60 26.35
N GLY B 71 -18.97 19.75 25.93
CA GLY B 71 -19.43 20.32 24.67
C GLY B 71 -19.09 19.45 23.46
N LEU B 72 -17.91 18.85 23.47
CA LEU B 72 -17.48 17.97 22.40
C LEU B 72 -18.38 16.75 22.34
N ARG B 73 -18.77 16.24 23.50
CA ARG B 73 -19.61 15.06 23.55
C ARG B 73 -20.92 15.28 22.82
N ASN B 74 -21.51 16.46 22.99
CA ASN B 74 -22.80 16.75 22.36
C ASN B 74 -22.65 16.92 20.86
N ILE B 75 -21.54 17.51 20.43
CA ILE B 75 -21.28 17.67 19.00
C ILE B 75 -20.97 16.33 18.34
N ALA B 76 -20.17 15.51 19.01
CA ALA B 76 -19.78 14.20 18.49
C ALA B 76 -20.95 13.22 18.40
N GLY B 77 -21.92 13.36 19.29
CA GLY B 77 -23.07 12.47 19.26
C GLY B 77 -22.71 11.02 19.53
N GLU B 78 -22.76 10.19 18.49
CA GLU B 78 -22.44 8.79 18.64
C GLU B 78 -20.98 8.47 18.32
N ILE B 79 -20.27 9.43 17.73
CA ILE B 79 -18.86 9.24 17.38
C ILE B 79 -17.99 9.17 18.65
N PRO B 80 -17.24 8.07 18.83
CA PRO B 80 -16.41 7.94 20.02
C PRO B 80 -15.34 9.03 20.06
N ILE B 81 -15.02 9.49 21.27
CA ILE B 81 -13.99 10.51 21.43
C ILE B 81 -12.77 9.95 22.18
N LEU B 82 -11.59 10.19 21.59
CA LEU B 82 -10.30 9.79 22.15
C LEU B 82 -9.64 11.06 22.71
N PHE B 83 -9.29 11.03 23.99
CA PHE B 83 -8.68 12.18 24.66
C PHE B 83 -7.18 11.97 24.76
N THR B 84 -6.43 12.86 24.12
CA THR B 84 -4.97 12.77 24.08
C THR B 84 -4.25 14.05 24.48
N ILE B 85 -3.33 13.92 25.42
CA ILE B 85 -2.49 15.05 25.81
C ILE B 85 -1.12 14.51 25.42
N ARG B 86 -0.69 14.80 24.21
CA ARG B 86 0.60 14.32 23.71
C ARG B 86 1.74 14.99 24.46
N SER B 87 2.62 14.18 25.04
CA SER B 87 3.73 14.74 25.81
C SER B 87 4.70 15.46 24.89
N GLU B 88 5.39 16.47 25.42
CA GLU B 88 6.33 17.20 24.60
C GLU B 88 7.46 16.32 24.12
N ARG B 89 7.89 15.37 24.94
CA ARG B 89 8.99 14.50 24.53
C ARG B 89 8.61 13.57 23.38
N GLU B 90 7.32 13.50 23.08
CA GLU B 90 6.86 12.68 21.97
C GLU B 90 6.11 13.49 20.89
N GLY B 91 6.59 14.71 20.66
CA GLY B 91 6.06 15.56 19.61
C GLY B 91 4.88 16.45 19.94
N GLY B 92 4.45 16.46 21.20
CA GLY B 92 3.33 17.30 21.57
C GLY B 92 3.74 18.72 21.91
N GLN B 93 2.75 19.60 22.01
CA GLN B 93 2.98 21.01 22.36
C GLN B 93 3.42 21.10 23.81
N PRO B 94 4.33 22.04 24.14
CA PRO B 94 4.77 22.18 25.53
C PRO B 94 3.49 22.60 26.29
N ILE B 95 3.34 22.11 27.51
CA ILE B 95 2.17 22.44 28.32
C ILE B 95 2.62 22.80 29.73
N PRO B 96 1.86 23.67 30.41
CA PRO B 96 2.20 24.11 31.77
C PRO B 96 1.88 23.17 32.92
N LEU B 97 1.87 21.86 32.68
CA LEU B 97 1.59 20.94 33.77
C LEU B 97 2.54 19.76 33.87
N ASN B 98 2.60 19.22 35.09
CA ASN B 98 3.43 18.09 35.46
C ASN B 98 2.92 16.79 34.90
N GLU B 99 3.72 15.76 35.15
CA GLU B 99 3.38 14.41 34.75
C GLU B 99 2.22 14.01 35.66
N ALA B 100 2.31 14.42 36.91
CA ALA B 100 1.27 14.13 37.89
C ALA B 100 0.01 14.95 37.63
N GLU B 101 0.19 16.19 37.15
CA GLU B 101 -0.96 17.02 36.86
C GLU B 101 -1.71 16.52 35.63
N VAL B 102 -0.97 15.94 34.68
CA VAL B 102 -1.62 15.38 33.51
C VAL B 102 -2.48 14.19 33.98
N ARG B 103 -1.95 13.37 34.88
CA ARG B 103 -2.72 12.22 35.36
C ARG B 103 -3.99 12.64 36.07
N ARG B 104 -3.93 13.70 36.87
CA ARG B 104 -5.10 14.19 37.59
C ARG B 104 -6.14 14.71 36.59
N LEU B 105 -5.69 15.35 35.51
CA LEU B 105 -6.62 15.87 34.52
C LEU B 105 -7.25 14.72 33.70
N ILE B 106 -6.48 13.71 33.36
CA ILE B 106 -7.03 12.61 32.59
C ILE B 106 -8.09 11.89 33.45
N GLU B 107 -7.83 11.77 34.75
CA GLU B 107 -8.82 11.12 35.57
C GLU B 107 -10.12 11.93 35.65
N ALA B 108 -10.00 13.25 35.77
CA ALA B 108 -11.20 14.09 35.87
C ALA B 108 -12.01 14.04 34.55
N ILE B 109 -11.32 13.95 33.43
CA ILE B 109 -12.02 13.85 32.16
C ILE B 109 -12.64 12.45 32.02
N CYS B 110 -11.93 11.42 32.45
CA CYS B 110 -12.50 10.07 32.35
C CYS B 110 -13.76 9.95 33.20
N ARG B 111 -13.72 10.51 34.41
CA ARG B 111 -14.86 10.42 35.30
C ARG B 111 -16.02 11.31 34.88
N SER B 112 -15.80 12.18 33.90
CA SER B 112 -16.86 13.07 33.42
C SER B 112 -17.89 12.33 32.56
N GLY B 113 -17.49 11.23 31.94
CA GLY B 113 -18.41 10.51 31.07
C GLY B 113 -18.44 11.10 29.67
N ALA B 114 -17.65 12.14 29.45
CA ALA B 114 -17.60 12.79 28.13
C ALA B 114 -16.78 12.07 27.07
N ILE B 115 -15.83 11.26 27.48
CA ILE B 115 -14.98 10.61 26.47
C ILE B 115 -15.02 9.09 26.53
N ASP B 116 -14.55 8.45 25.45
CA ASP B 116 -14.59 6.99 25.33
C ASP B 116 -13.25 6.27 25.44
N LEU B 117 -12.17 6.92 25.02
CA LEU B 117 -10.84 6.35 25.09
C LEU B 117 -9.86 7.45 25.52
N VAL B 118 -8.76 7.02 26.12
CA VAL B 118 -7.73 7.95 26.56
C VAL B 118 -6.41 7.36 26.12
N ASP B 119 -5.52 8.24 25.73
CA ASP B 119 -4.19 7.86 25.30
C ASP B 119 -3.21 8.12 26.47
N TYR B 120 -2.29 7.20 26.71
CA TYR B 120 -1.30 7.43 27.74
C TYR B 120 -0.05 6.83 27.15
N GLU B 121 1.05 7.54 27.30
CA GLU B 121 2.29 7.12 26.70
C GLU B 121 3.02 6.00 27.43
N LEU B 122 3.48 5.05 26.61
CA LEU B 122 4.19 3.88 27.07
C LEU B 122 5.40 4.23 27.92
N ALA B 123 6.13 5.29 27.57
CA ALA B 123 7.34 5.67 28.31
C ALA B 123 7.15 6.05 29.79
N TYR B 124 5.97 6.51 30.18
CA TYR B 124 5.79 6.85 31.59
C TYR B 124 5.80 5.60 32.48
N GLY B 125 5.96 4.45 31.84
CA GLY B 125 6.07 3.17 32.50
C GLY B 125 5.17 2.78 33.65
N GLU B 126 5.78 2.51 34.80
CA GLU B 126 5.06 2.10 36.00
C GLU B 126 3.81 2.92 36.28
N ARG B 127 3.89 4.22 36.02
CA ARG B 127 2.76 5.13 36.24
C ARG B 127 1.56 4.75 35.37
N ILE B 128 1.68 3.68 34.58
CA ILE B 128 0.58 3.25 33.74
C ILE B 128 -0.40 2.38 34.51
N ALA B 129 0.09 1.74 35.56
CA ALA B 129 -0.74 0.85 36.38
C ALA B 129 -1.97 1.56 36.94
N ASP B 130 -1.77 2.76 37.45
CA ASP B 130 -2.85 3.52 38.04
C ASP B 130 -3.83 4.03 36.98
N VAL B 131 -3.30 4.53 35.87
CA VAL B 131 -4.16 5.02 34.80
C VAL B 131 -5.04 3.87 34.26
N ARG B 132 -4.49 2.67 34.21
CA ARG B 132 -5.21 1.49 33.71
C ARG B 132 -6.38 1.13 34.65
N ARG B 133 -6.09 0.94 35.93
CA ARG B 133 -7.13 0.59 36.89
C ARG B 133 -8.23 1.65 36.89
N MET B 134 -7.81 2.91 36.92
CA MET B 134 -8.79 4.00 36.93
C MET B 134 -9.64 4.07 35.65
N THR B 135 -9.07 3.77 34.48
CA THR B 135 -9.87 3.82 33.26
C THR B 135 -10.85 2.66 33.25
N GLU B 136 -10.46 1.52 33.81
CA GLU B 136 -11.37 0.39 33.79
C GLU B 136 -12.59 0.65 34.67
N GLU B 137 -12.45 1.51 35.69
CA GLU B 137 -13.56 1.86 36.59
C GLU B 137 -14.51 2.86 35.91
N CYS B 138 -13.98 3.65 34.99
CA CYS B 138 -14.77 4.64 34.26
C CYS B 138 -15.29 4.10 32.94
N SER B 139 -14.99 2.84 32.65
CA SER B 139 -15.42 2.23 31.39
C SER B 139 -14.86 3.04 30.23
N VAL B 140 -13.59 3.42 30.34
CA VAL B 140 -12.93 4.19 29.30
C VAL B 140 -11.86 3.26 28.72
N TRP B 141 -11.72 3.24 27.40
CA TRP B 141 -10.72 2.37 26.80
C TRP B 141 -9.37 3.04 26.85
N LEU B 142 -8.32 2.25 27.08
CA LEU B 142 -6.98 2.78 27.16
C LEU B 142 -6.10 2.42 25.97
N VAL B 143 -5.60 3.46 25.33
CA VAL B 143 -4.68 3.35 24.19
C VAL B 143 -3.29 3.71 24.76
N VAL B 144 -2.37 2.76 24.71
CA VAL B 144 -1.01 3.00 25.18
C VAL B 144 -0.16 3.13 23.93
N SER B 145 0.48 4.29 23.81
CA SER B 145 1.22 4.68 22.63
C SER B 145 2.70 5.01 22.77
N ARG B 146 3.39 5.03 21.63
CA ARG B 146 4.80 5.40 21.57
C ARG B 146 5.05 5.98 20.18
N HIS B 147 5.70 7.14 20.13
CA HIS B 147 5.99 7.79 18.86
C HIS B 147 7.50 8.07 18.71
N TYR B 148 8.03 7.76 17.54
CA TYR B 148 9.45 7.97 17.23
C TYR B 148 9.53 9.02 16.12
N PHE B 149 9.82 10.26 16.48
CA PHE B 149 9.89 11.31 15.48
C PHE B 149 11.22 11.47 14.79
N ASP B 150 12.27 10.86 15.35
CA ASP B 150 13.61 10.98 14.76
C ASP B 150 13.96 9.96 13.69
N GLY B 151 13.21 8.86 13.66
CA GLY B 151 13.46 7.82 12.67
C GLY B 151 12.62 6.59 12.92
N THR B 152 13.08 5.46 12.40
CA THR B 152 12.37 4.21 12.56
C THR B 152 13.24 3.14 13.24
N PRO B 153 12.85 2.71 14.46
CA PRO B 153 13.61 1.69 15.18
C PRO B 153 13.54 0.37 14.43
N ARG B 154 14.36 -0.58 14.83
CA ARG B 154 14.34 -1.88 14.16
C ARG B 154 13.02 -2.54 14.52
N LYS B 155 12.62 -3.52 13.71
CA LYS B 155 11.37 -4.21 13.92
C LYS B 155 11.27 -4.80 15.32
N GLU B 156 12.37 -5.36 15.79
CA GLU B 156 12.41 -5.94 17.13
C GLU B 156 11.95 -4.94 18.20
N THR B 157 12.40 -3.70 18.07
CA THR B 157 12.07 -2.67 19.04
C THR B 157 10.59 -2.30 18.99
N LEU B 158 10.06 -2.20 17.78
CA LEU B 158 8.64 -1.87 17.64
C LEU B 158 7.78 -3.00 18.22
N LEU B 159 8.17 -4.24 17.95
CA LEU B 159 7.40 -5.38 18.44
C LEU B 159 7.43 -5.35 19.97
N ALA B 160 8.59 -5.01 20.52
CA ALA B 160 8.76 -4.94 21.96
C ALA B 160 7.83 -3.88 22.56
N ASP B 161 7.74 -2.71 21.94
CA ASP B 161 6.87 -1.64 22.42
C ASP B 161 5.42 -2.10 22.51
N MET B 162 4.95 -2.74 21.44
CA MET B 162 3.56 -3.20 21.42
C MET B 162 3.30 -4.32 22.43
N ARG B 163 4.29 -5.20 22.60
CA ARG B 163 4.16 -6.28 23.58
C ARG B 163 4.11 -5.63 24.97
N GLN B 164 5.01 -4.68 25.18
CA GLN B 164 5.08 -3.90 26.43
C GLN B 164 3.68 -3.30 26.71
N ALA B 165 3.19 -2.54 25.75
CA ALA B 165 1.88 -1.91 25.88
C ALA B 165 0.81 -2.88 26.35
N GLU B 166 0.71 -4.03 25.69
CA GLU B 166 -0.29 -5.02 26.07
C GLU B 166 -0.03 -5.55 27.51
N ARG B 167 1.23 -5.79 27.83
CA ARG B 167 1.59 -6.28 29.16
C ARG B 167 1.12 -5.29 30.22
N TYR B 168 1.15 -4.00 29.88
CA TYR B 168 0.75 -2.94 30.79
C TYR B 168 -0.76 -2.83 30.92
N GLY B 169 -1.49 -3.62 30.15
CA GLY B 169 -2.94 -3.61 30.27
C GLY B 169 -3.72 -2.83 29.24
N ALA B 170 -3.02 -2.24 28.26
CA ALA B 170 -3.69 -1.48 27.21
C ALA B 170 -4.77 -2.27 26.47
N ASP B 171 -5.78 -1.55 26.02
CA ASP B 171 -6.86 -2.13 25.24
C ASP B 171 -6.42 -2.03 23.78
N ILE B 172 -5.57 -1.05 23.50
CA ILE B 172 -5.05 -0.81 22.15
C ILE B 172 -3.62 -0.29 22.23
N ALA B 173 -2.73 -0.85 21.40
CA ALA B 173 -1.34 -0.41 21.37
C ALA B 173 -1.12 0.50 20.16
N LYS B 174 -0.48 1.65 20.36
CA LYS B 174 -0.24 2.56 19.23
C LYS B 174 1.25 2.85 19.09
N VAL B 175 1.76 2.75 17.86
CA VAL B 175 3.15 3.06 17.58
C VAL B 175 3.26 3.77 16.26
N ALA B 176 3.97 4.89 16.27
CA ALA B 176 4.20 5.72 15.09
C ALA B 176 5.69 5.94 14.92
N VAL B 177 6.15 5.94 13.68
CA VAL B 177 7.55 6.12 13.38
C VAL B 177 7.72 7.11 12.24
N MET B 178 8.92 7.66 12.11
CA MET B 178 9.21 8.59 11.01
C MET B 178 10.18 7.88 10.07
N PRO B 179 9.71 7.50 8.87
CA PRO B 179 10.56 6.81 7.91
C PRO B 179 11.57 7.68 7.18
N LYS B 180 12.75 7.12 6.92
CA LYS B 180 13.77 7.87 6.20
C LYS B 180 14.05 7.21 4.85
N SER B 181 13.37 6.10 4.60
CA SER B 181 13.53 5.38 3.35
C SER B 181 12.35 4.42 3.16
N PRO B 182 12.18 3.90 1.94
CA PRO B 182 11.06 2.96 1.75
C PRO B 182 11.28 1.75 2.66
N GLU B 183 12.54 1.42 2.94
CA GLU B 183 12.83 0.29 3.81
C GLU B 183 12.22 0.44 5.21
N ASP B 184 12.24 1.67 5.74
CA ASP B 184 11.67 1.92 7.05
C ASP B 184 10.16 1.71 7.01
N VAL B 185 9.53 2.01 5.87
CA VAL B 185 8.09 1.85 5.74
C VAL B 185 7.74 0.37 5.80
N LEU B 186 8.57 -0.47 5.19
CA LEU B 186 8.35 -1.91 5.22
C LEU B 186 8.54 -2.45 6.64
N VAL B 187 9.55 -1.93 7.34
CA VAL B 187 9.78 -2.38 8.70
C VAL B 187 8.53 -2.14 9.55
N LEU B 188 7.91 -0.97 9.42
CA LEU B 188 6.72 -0.66 10.19
C LEU B 188 5.58 -1.62 9.84
N LEU B 189 5.39 -1.88 8.53
CA LEU B 189 4.34 -2.83 8.12
C LEU B 189 4.62 -4.26 8.62
N GLN B 190 5.89 -4.67 8.57
CA GLN B 190 6.26 -6.00 9.00
C GLN B 190 6.06 -6.14 10.50
N ALA B 191 6.40 -5.08 11.25
CA ALA B 191 6.21 -5.14 12.69
C ALA B 191 4.72 -5.24 12.98
N THR B 192 3.94 -4.46 12.25
CA THR B 192 2.51 -4.50 12.42
C THR B 192 1.94 -5.90 12.11
N GLU B 193 2.39 -6.49 11.00
CA GLU B 193 1.91 -7.83 10.63
C GLU B 193 2.26 -8.88 11.69
N GLU B 194 3.50 -8.87 12.14
CA GLU B 194 3.98 -9.81 13.14
C GLU B 194 3.25 -9.62 14.50
N ALA B 195 3.08 -8.38 14.92
CA ALA B 195 2.38 -8.09 16.19
C ALA B 195 0.92 -8.51 16.12
N ARG B 196 0.31 -8.40 14.95
CA ARG B 196 -1.09 -8.78 14.86
C ARG B 196 -1.27 -10.27 15.11
N ARG B 197 -0.26 -11.06 14.80
CA ARG B 197 -0.36 -12.50 14.99
C ARG B 197 0.00 -12.93 16.40
N GLU B 198 0.71 -12.05 17.10
CA GLU B 198 1.16 -12.33 18.45
C GLU B 198 0.36 -11.73 19.61
N LEU B 199 -0.21 -10.55 19.42
CA LEU B 199 -0.96 -9.90 20.50
C LEU B 199 -2.46 -10.12 20.41
N ALA B 200 -3.16 -9.97 21.53
CA ALA B 200 -4.61 -10.17 21.59
C ALA B 200 -5.41 -8.87 21.57
N ILE B 201 -4.74 -7.76 21.34
CA ILE B 201 -5.45 -6.48 21.30
C ILE B 201 -5.23 -5.78 19.96
N PRO B 202 -6.17 -4.93 19.58
CA PRO B 202 -6.03 -4.20 18.32
C PRO B 202 -4.82 -3.26 18.33
N LEU B 203 -4.28 -3.02 17.15
CA LEU B 203 -3.11 -2.18 16.97
C LEU B 203 -3.38 -0.97 16.13
N ILE B 204 -2.65 0.10 16.40
CA ILE B 204 -2.74 1.30 15.60
C ILE B 204 -1.29 1.66 15.24
N THR B 205 -0.90 1.52 13.97
CA THR B 205 0.46 1.85 13.57
C THR B 205 0.44 2.79 12.36
N MET B 206 1.51 3.55 12.19
CA MET B 206 1.61 4.44 11.05
C MET B 206 3.05 4.90 10.88
N ALA B 207 3.46 5.10 9.63
CA ALA B 207 4.77 5.66 9.33
C ALA B 207 4.35 7.07 8.93
N MET B 208 4.95 8.08 9.57
CA MET B 208 4.60 9.47 9.31
C MET B 208 5.25 10.04 8.07
N GLY B 209 4.91 11.28 7.75
CA GLY B 209 5.47 11.93 6.57
C GLY B 209 5.00 11.38 5.23
N GLY B 210 5.59 11.92 4.14
CA GLY B 210 5.24 11.51 2.80
C GLY B 210 5.47 10.03 2.51
N LEU B 211 6.67 9.53 2.81
CA LEU B 211 7.01 8.13 2.58
C LEU B 211 6.02 7.16 3.25
N GLY B 212 5.47 7.58 4.39
CA GLY B 212 4.53 6.72 5.10
C GLY B 212 3.07 6.81 4.67
N ALA B 213 2.79 7.58 3.63
CA ALA B 213 1.40 7.73 3.20
C ALA B 213 0.71 6.38 2.97
N ILE B 214 1.45 5.44 2.39
CA ILE B 214 0.86 4.14 2.11
C ILE B 214 0.41 3.39 3.38
N THR B 215 1.05 3.66 4.52
CA THR B 215 0.68 2.99 5.77
C THR B 215 -0.62 3.54 6.29
N ARG B 216 -0.94 4.79 5.95
CA ARG B 216 -2.21 5.33 6.41
C ARG B 216 -3.38 4.81 5.55
N LEU B 217 -3.06 4.44 4.31
CA LEU B 217 -4.07 3.97 3.36
C LEU B 217 -4.22 2.45 3.29
N ALA B 218 -3.16 1.74 3.67
CA ALA B 218 -3.18 0.28 3.58
C ALA B 218 -2.65 -0.46 4.80
N GLY B 219 -2.34 0.25 5.88
CA GLY B 219 -1.84 -0.45 7.04
C GLY B 219 -2.85 -1.46 7.59
N TRP B 220 -4.13 -1.23 7.36
CA TRP B 220 -5.13 -2.17 7.87
C TRP B 220 -4.99 -3.57 7.28
N LEU B 221 -4.44 -3.65 6.08
CA LEU B 221 -4.25 -4.95 5.44
C LEU B 221 -3.23 -5.74 6.25
N PHE B 222 -2.49 -5.07 7.12
CA PHE B 222 -1.48 -5.75 7.93
C PHE B 222 -1.74 -5.68 9.43
N GLY B 223 -2.93 -5.26 9.81
CA GLY B 223 -3.27 -5.24 11.22
C GLY B 223 -3.47 -3.92 11.92
N SER B 224 -3.30 -2.79 11.23
CA SER B 224 -3.50 -1.48 11.88
C SER B 224 -4.99 -1.18 11.82
N ALA B 225 -5.63 -1.20 12.99
CA ALA B 225 -7.08 -1.02 13.06
C ALA B 225 -7.61 0.38 12.85
N VAL B 226 -6.75 1.37 13.04
CA VAL B 226 -7.17 2.77 12.92
C VAL B 226 -6.17 3.59 12.10
N THR B 227 -6.69 4.44 11.22
CA THR B 227 -5.82 5.35 10.48
C THR B 227 -6.27 6.78 10.83
N PHE B 228 -5.30 7.66 11.07
CA PHE B 228 -5.56 9.05 11.42
C PHE B 228 -5.56 9.88 10.13
N ALA B 229 -6.68 10.57 9.90
CA ALA B 229 -6.86 11.39 8.71
C ALA B 229 -7.33 12.79 9.08
N VAL B 230 -7.09 13.76 8.19
CA VAL B 230 -7.45 15.15 8.42
C VAL B 230 -8.93 15.47 8.14
N GLY B 231 -9.65 15.85 9.19
CA GLY B 231 -11.05 16.21 9.06
C GLY B 231 -11.21 17.71 8.94
N ASN B 232 -10.16 18.45 9.31
CA ASN B 232 -10.16 19.90 9.23
C ASN B 232 -8.70 20.33 9.35
N GLN B 233 -8.11 20.05 10.50
CA GLN B 233 -6.71 20.37 10.73
C GLN B 233 -5.88 19.10 10.92
N SER B 234 -4.59 19.19 10.65
CA SER B 234 -3.70 18.03 10.81
C SER B 234 -3.00 18.05 12.16
N SER B 235 -2.81 16.87 12.75
CA SER B 235 -2.15 16.78 14.05
C SER B 235 -0.79 16.08 13.94
N ALA B 236 -0.46 15.56 12.75
CA ALA B 236 0.82 14.87 12.58
C ALA B 236 1.18 14.85 11.11
N PRO B 237 2.47 14.94 10.78
CA PRO B 237 2.88 14.93 9.37
C PRO B 237 2.44 13.67 8.61
N GLY B 238 1.96 13.89 7.38
CA GLY B 238 1.53 12.78 6.54
C GLY B 238 0.06 12.46 6.58
N GLN B 239 -0.67 13.01 7.54
CA GLN B 239 -2.10 12.74 7.59
C GLN B 239 -2.75 13.24 6.30
N ILE B 240 -3.59 12.41 5.73
CA ILE B 240 -4.28 12.72 4.48
C ILE B 240 -5.74 13.11 4.68
N PRO B 241 -6.25 14.05 3.89
CA PRO B 241 -7.66 14.45 4.05
C PRO B 241 -8.57 13.23 4.04
N ILE B 242 -9.53 13.22 4.97
CA ILE B 242 -10.49 12.13 5.13
C ILE B 242 -11.11 11.61 3.85
N ASP B 243 -11.56 12.51 2.99
CA ASP B 243 -12.19 12.08 1.76
C ASP B 243 -11.28 11.22 0.87
N ASP B 244 -10.01 11.61 0.76
CA ASP B 244 -9.07 10.85 -0.07
C ASP B 244 -8.81 9.47 0.55
N VAL B 245 -8.68 9.40 1.87
CA VAL B 245 -8.49 8.12 2.53
C VAL B 245 -9.70 7.22 2.21
N ARG B 246 -10.92 7.75 2.40
CA ARG B 246 -12.16 7.00 2.13
C ARG B 246 -12.17 6.46 0.69
N THR B 247 -11.74 7.29 -0.27
CA THR B 247 -11.73 6.86 -1.68
C THR B 247 -10.82 5.64 -1.88
N VAL B 248 -9.60 5.73 -1.36
CA VAL B 248 -8.65 4.63 -1.48
C VAL B 248 -9.09 3.39 -0.71
N LEU B 249 -9.65 3.57 0.50
CA LEU B 249 -10.09 2.43 1.29
C LEU B 249 -11.17 1.69 0.54
N SER B 250 -12.08 2.44 -0.06
CA SER B 250 -13.17 1.85 -0.81
C SER B 250 -12.63 0.90 -1.89
N ILE B 251 -11.69 1.39 -2.69
CA ILE B 251 -11.10 0.62 -3.76
C ILE B 251 -10.29 -0.56 -3.20
N LEU B 252 -9.49 -0.29 -2.19
CA LEU B 252 -8.69 -1.37 -1.60
C LEU B 252 -9.56 -2.51 -1.07
N GLN B 253 -10.66 -2.17 -0.40
CA GLN B 253 -11.54 -3.20 0.15
C GLN B 253 -12.24 -4.00 -0.95
N THR B 254 -12.71 -3.32 -1.99
CA THR B 254 -13.39 -4.01 -3.09
C THR B 254 -12.47 -5.01 -3.77
N TYR B 255 -11.22 -4.61 -3.97
CA TYR B 255 -10.26 -5.46 -4.66
C TYR B 255 -9.29 -6.29 -3.83
N SER B 256 -9.37 -6.19 -2.51
CA SER B 256 -8.48 -6.97 -1.67
C SER B 256 -9.19 -8.22 -1.18
N ARG B 257 -8.76 -9.36 -1.70
CA ARG B 257 -9.33 -10.66 -1.37
C ARG B 257 -10.82 -10.73 -1.69
#